data_2WN7
#
_entry.id   2WN7
#
_cell.length_a   62.057
_cell.length_b   46.772
_cell.length_c   77.722
_cell.angle_alpha   90.00
_cell.angle_beta   97.73
_cell.angle_gamma   90.00
#
_symmetry.space_group_name_H-M   'P 1 21 1'
#
loop_
_entity.id
_entity.type
_entity.pdbx_description
1 polymer 'ADP-RIBOSYLTRANSFERASE ENZYMATIC COMPONENT'
2 non-polymer NICOTINAMIDE-ADENINE-DINUCLEOTIDE
3 non-polymer GLYCEROL
4 water water
#
_entity_poly.entity_id   1
_entity_poly.type   'polypeptide(L)'
_entity_poly.pdbx_seq_one_letter_code
;MKKFRKHKRISNCISILLILYLTLGGLLPNNIYAQDLQSYSEKVCNTTYKAPIERPEDFLKDKEKAKEWERKEAERIEQK
LERSEKEALESYKKDSVEISKYSQTRNYFYDYQIEANSREKEYKELRNAISKNKIDKPMYVYYFESPEKFAFNKVIRTEN
QNEISLEKFNEFKETIQNKLFKQDGFKDISLYEPGKGDEKPTPLLMHLKLPRNTGMLPYTNTNNVSTLIEQGYSIKIDKI
VRIVIDGKHYIKAEASVVSSLDFKDDVSKGDSWGKANYNDWSNKLTPNELADVNDYMRGGYTAINNYLISNGPVNNPNPE
LDSKITNIENALKREPIPTNLTVYRRSGPQEFGLTLTSPEYDFNKLENIDAFKSKWEGQALSYPNFISTSIGSVNMSAFA
KRKIVLRITIPKGSPGAYLSAIPGYAGEYEVLLNHGSKFKINKIDSYKDGTITKLIVDATLIP
;
_entity_poly.pdbx_strand_id   A
#
loop_
_chem_comp.id
_chem_comp.type
_chem_comp.name
_chem_comp.formula
GOL non-polymer GLYCEROL 'C3 H8 O3'
NAD non-polymer NICOTINAMIDE-ADENINE-DINUCLEOTIDE 'C21 H27 N7 O14 P2'
#
# COMPACT_ATOMS: atom_id res chain seq x y z
N GLU A 70 16.42 -27.53 0.96
CA GLU A 70 16.49 -26.98 2.35
C GLU A 70 17.82 -26.25 2.61
N ARG A 71 18.69 -26.88 3.41
CA ARG A 71 20.03 -26.38 3.67
C ARG A 71 20.89 -26.52 2.41
N LYS A 72 20.66 -27.59 1.66
CA LYS A 72 21.42 -27.88 0.44
C LYS A 72 21.09 -26.89 -0.67
N GLU A 73 19.81 -26.50 -0.76
CA GLU A 73 19.38 -25.46 -1.68
C GLU A 73 20.08 -24.14 -1.34
N ALA A 74 20.07 -23.80 -0.04
CA ALA A 74 20.68 -22.56 0.45
C ALA A 74 22.16 -22.44 0.12
N GLU A 75 22.86 -23.56 0.16
CA GLU A 75 24.29 -23.60 -0.15
C GLU A 75 24.54 -23.51 -1.65
N ARG A 76 23.61 -24.02 -2.46
CA ARG A 76 23.65 -23.84 -3.91
C ARG A 76 23.35 -22.39 -4.32
N ILE A 77 22.25 -21.84 -3.78
CA ILE A 77 21.77 -20.51 -4.12
C ILE A 77 22.80 -19.43 -3.72
N GLU A 78 23.59 -19.72 -2.70
CA GLU A 78 24.63 -18.81 -2.21
C GLU A 78 25.70 -18.51 -3.28
N GLN A 79 25.94 -19.48 -4.14
CA GLN A 79 26.96 -19.36 -5.20
C GLN A 79 26.55 -18.36 -6.28
N LYS A 80 25.25 -18.14 -6.41
CA LYS A 80 24.69 -17.22 -7.38
C LYS A 80 24.84 -15.74 -6.96
N LEU A 81 25.22 -15.51 -5.70
CA LEU A 81 25.26 -14.16 -5.15
C LEU A 81 26.59 -13.43 -5.38
N GLU A 82 26.50 -12.14 -5.72
CA GLU A 82 27.64 -11.25 -5.74
C GLU A 82 28.18 -11.07 -4.31
N ARG A 83 29.42 -10.58 -4.23
CA ARG A 83 30.05 -10.32 -2.93
C ARG A 83 29.30 -9.27 -2.12
N SER A 84 28.79 -8.23 -2.79
CA SER A 84 27.98 -7.21 -2.13
C SER A 84 26.65 -7.78 -1.60
N GLU A 85 26.07 -8.71 -2.37
CA GLU A 85 24.82 -9.37 -1.97
C GLU A 85 25.04 -10.34 -0.81
N LYS A 86 26.14 -11.09 -0.87
CA LYS A 86 26.58 -11.90 0.26
C LYS A 86 26.81 -11.03 1.50
N GLU A 87 27.33 -9.81 1.29
CA GLU A 87 27.60 -8.87 2.36
C GLU A 87 26.29 -8.38 2.98
N ALA A 88 25.31 -8.08 2.13
CA ALA A 88 23.97 -7.68 2.58
C ALA A 88 23.28 -8.76 3.43
N LEU A 89 23.43 -10.02 2.99
CA LEU A 89 22.88 -11.15 3.72
C LEU A 89 23.50 -11.34 5.11
N GLU A 90 24.80 -11.05 5.24
CA GLU A 90 25.49 -11.14 6.53
C GLU A 90 24.94 -10.13 7.54
N SER A 91 24.71 -8.90 7.08
CA SER A 91 24.07 -7.86 7.88
C SER A 91 22.65 -8.24 8.24
N TYR A 92 21.91 -8.78 7.28
CA TYR A 92 20.55 -9.22 7.55
C TYR A 92 20.50 -10.21 8.70
N LYS A 93 21.44 -11.16 8.72
CA LYS A 93 21.46 -12.17 9.78
C LYS A 93 21.71 -11.54 11.16
N LYS A 94 22.41 -10.41 11.20
CA LYS A 94 22.72 -9.71 12.45
C LYS A 94 21.65 -8.69 12.82
N ASP A 95 20.89 -8.22 11.84
CA ASP A 95 20.03 -7.06 11.99
C ASP A 95 18.69 -7.22 11.23
N SER A 96 18.16 -8.45 11.22
CA SER A 96 16.96 -8.78 10.44
C SER A 96 15.76 -7.89 10.74
N VAL A 97 15.53 -7.63 12.03
CA VAL A 97 14.36 -6.86 12.49
C VAL A 97 14.32 -5.44 11.94
N GLU A 98 15.40 -4.69 12.14
CA GLU A 98 15.46 -3.28 11.71
C GLU A 98 15.55 -3.12 10.20
N ILE A 99 16.15 -4.09 9.52
CA ILE A 99 16.18 -4.06 8.05
C ILE A 99 14.79 -4.35 7.46
N SER A 100 14.07 -5.31 8.03
CA SER A 100 12.70 -5.62 7.60
C SER A 100 11.78 -4.44 7.82
N LYS A 101 11.87 -3.84 9.01
CA LYS A 101 11.13 -2.63 9.34
C LYS A 101 11.44 -1.51 8.36
N TYR A 102 12.73 -1.26 8.11
CA TYR A 102 13.14 -0.30 7.09
C TYR A 102 12.57 -0.60 5.71
N SER A 103 12.62 -1.87 5.29
CA SER A 103 12.11 -2.27 3.97
C SER A 103 10.60 -1.99 3.77
N GLN A 104 9.87 -1.85 4.88
CA GLN A 104 8.42 -1.58 4.85
C GLN A 104 8.06 -0.10 4.65
N THR A 105 8.91 0.80 5.15
CA THR A 105 8.56 2.22 5.18
C THR A 105 9.58 3.13 4.48
N ARG A 106 10.68 2.56 3.99
CA ARG A 106 11.75 3.34 3.34
C ARG A 106 11.26 4.30 2.25
N ASN A 107 10.25 3.89 1.48
CA ASN A 107 9.77 4.68 0.36
C ASN A 107 8.87 5.88 0.70
N TYR A 108 8.59 6.11 1.99
CA TYR A 108 7.74 7.23 2.41
C TYR A 108 8.50 8.51 2.84
N PHE A 109 9.82 8.45 2.84
CA PHE A 109 10.65 9.55 3.29
C PHE A 109 11.11 10.39 2.10
N TYR A 110 11.83 11.48 2.36
CA TYR A 110 12.38 12.29 1.28
C TYR A 110 13.49 11.52 0.58
N ASP A 111 13.67 11.78 -0.70
CA ASP A 111 14.78 11.19 -1.47
C ASP A 111 16.13 11.29 -0.75
N TYR A 112 16.40 12.44 -0.14
CA TYR A 112 17.68 12.67 0.55
C TYR A 112 17.80 11.91 1.87
N GLN A 113 16.66 11.64 2.52
CA GLN A 113 16.64 10.80 3.70
C GLN A 113 16.90 9.34 3.33
N ILE A 114 16.33 8.91 2.21
CA ILE A 114 16.51 7.56 1.67
C ILE A 114 17.97 7.29 1.28
N GLU A 115 18.59 8.20 0.54
CA GLU A 115 19.97 8.05 0.11
C GLU A 115 20.97 8.07 1.27
N ALA A 116 20.59 8.74 2.35
CA ALA A 116 21.45 8.89 3.51
C ALA A 116 21.33 7.74 4.51
N ASN A 117 20.23 7.00 4.45
CA ASN A 117 19.99 5.92 5.42
C ASN A 117 21.04 4.81 5.35
N SER A 118 21.54 4.44 6.52
CA SER A 118 22.61 3.46 6.68
C SER A 118 22.19 2.05 6.25
N ARG A 119 20.89 1.85 6.13
CA ARG A 119 20.34 0.55 5.74
C ARG A 119 19.82 0.51 4.29
N GLU A 120 20.03 1.60 3.55
CA GLU A 120 19.55 1.72 2.14
C GLU A 120 20.31 0.89 1.11
N LYS A 121 21.64 0.86 1.18
CA LYS A 121 22.45 0.03 0.30
C LYS A 121 22.15 -1.43 0.62
N GLU A 122 22.06 -1.72 1.91
CA GLU A 122 21.62 -3.01 2.44
C GLU A 122 20.29 -3.48 1.80
N TYR A 123 19.31 -2.59 1.76
CA TYR A 123 18.02 -2.88 1.13
C TYR A 123 18.15 -3.28 -0.34
N LYS A 124 18.82 -2.43 -1.13
CA LYS A 124 18.99 -2.64 -2.58
C LYS A 124 19.67 -3.97 -2.91
N GLU A 125 20.77 -4.25 -2.21
CA GLU A 125 21.53 -5.47 -2.39
C GLU A 125 20.72 -6.71 -2.05
N LEU A 126 20.05 -6.68 -0.91
CA LEU A 126 19.18 -7.78 -0.47
C LEU A 126 18.00 -7.96 -1.43
N ARG A 127 17.42 -6.84 -1.87
CA ARG A 127 16.39 -6.86 -2.92
C ARG A 127 16.93 -7.57 -4.20
N ASN A 128 18.11 -7.17 -4.65
CA ASN A 128 18.76 -7.81 -5.81
C ASN A 128 19.04 -9.29 -5.63
N ALA A 129 19.48 -9.69 -4.44
CA ALA A 129 19.82 -11.10 -4.18
C ALA A 129 18.60 -12.01 -4.38
N ILE A 130 17.49 -11.59 -3.80
CA ILE A 130 16.22 -12.32 -3.89
C ILE A 130 15.73 -12.51 -5.33
N SER A 131 15.93 -11.49 -6.16
CA SER A 131 15.50 -11.52 -7.57
C SER A 131 16.31 -12.50 -8.44
N LYS A 132 17.42 -13.03 -7.90
CA LYS A 132 18.26 -13.96 -8.64
C LYS A 132 17.87 -15.42 -8.45
N ASN A 133 16.86 -15.66 -7.62
CA ASN A 133 16.27 -16.99 -7.50
C ASN A 133 14.76 -16.91 -7.57
N LYS A 134 14.25 -16.97 -8.79
CA LYS A 134 12.82 -16.89 -9.04
C LYS A 134 12.24 -18.27 -9.17
N ILE A 135 11.04 -18.46 -8.63
CA ILE A 135 10.35 -19.74 -8.70
C ILE A 135 9.72 -19.94 -10.08
N ASP A 136 9.80 -21.17 -10.58
CA ASP A 136 9.29 -21.47 -11.92
C ASP A 136 7.80 -21.81 -11.94
N LYS A 137 7.22 -21.99 -10.75
CA LYS A 137 5.78 -22.26 -10.61
C LYS A 137 5.23 -21.65 -9.29
N PRO A 138 3.90 -21.50 -9.17
CA PRO A 138 3.34 -20.99 -7.91
C PRO A 138 3.71 -21.88 -6.74
N MET A 139 3.91 -21.26 -5.58
CA MET A 139 4.36 -21.98 -4.40
C MET A 139 3.64 -21.46 -3.17
N TYR A 140 3.27 -22.36 -2.26
CA TYR A 140 2.69 -21.94 -0.99
C TYR A 140 3.76 -21.70 0.06
N VAL A 141 3.63 -20.60 0.79
CA VAL A 141 4.55 -20.33 1.89
C VAL A 141 3.80 -20.16 3.21
N TYR A 142 4.47 -20.51 4.31
CA TYR A 142 3.94 -20.34 5.64
C TYR A 142 4.69 -19.27 6.39
N TYR A 143 3.94 -18.48 7.17
CA TYR A 143 4.50 -17.56 8.15
C TYR A 143 3.43 -17.07 9.10
N PHE A 144 3.83 -16.78 10.34
CA PHE A 144 2.95 -16.20 11.33
C PHE A 144 2.83 -14.71 11.14
N GLU A 145 1.65 -14.19 11.44
CA GLU A 145 1.37 -12.78 11.23
C GLU A 145 0.57 -12.22 12.42
N SER A 146 0.72 -10.93 12.66
CA SER A 146 -0.11 -10.27 13.66
C SER A 146 -1.47 -9.96 13.05
N PRO A 147 -2.56 -10.34 13.75
CA PRO A 147 -3.93 -10.01 13.35
C PRO A 147 -4.17 -8.51 13.10
N GLU A 148 -3.41 -7.65 13.79
CA GLU A 148 -3.48 -6.20 13.60
C GLU A 148 -3.07 -5.82 12.19
N LYS A 149 -2.32 -6.72 11.53
CA LYS A 149 -1.97 -6.54 10.13
C LYS A 149 -3.18 -6.52 9.20
N PHE A 150 -4.25 -7.21 9.60
CA PHE A 150 -5.45 -7.28 8.80
C PHE A 150 -6.58 -6.50 9.46
N ALA A 151 -6.17 -5.46 10.19
CA ALA A 151 -7.08 -4.51 10.85
C ALA A 151 -7.96 -5.13 11.96
N PHE A 152 -7.48 -6.22 12.54
CA PHE A 152 -8.09 -6.80 13.73
C PHE A 152 -7.23 -6.41 14.92
N ASN A 153 -7.61 -5.31 15.58
CA ASN A 153 -6.79 -4.69 16.63
C ASN A 153 -7.13 -5.22 18.03
N LYS A 154 -7.08 -6.55 18.14
CA LYS A 154 -7.49 -7.28 19.34
C LYS A 154 -6.81 -8.63 19.33
N VAL A 155 -6.64 -9.23 20.51
CA VAL A 155 -6.11 -10.59 20.59
C VAL A 155 -7.20 -11.58 20.16
N ILE A 156 -6.78 -12.57 19.36
CA ILE A 156 -7.67 -13.66 18.99
C ILE A 156 -7.80 -14.58 20.21
N ARG A 157 -6.67 -14.79 20.89
CA ARG A 157 -6.61 -15.47 22.20
C ARG A 157 -5.26 -15.11 22.81
N THR A 158 -5.12 -15.29 24.11
CA THR A 158 -3.84 -15.03 24.78
C THR A 158 -2.91 -16.23 24.53
N GLU A 159 -1.62 -16.00 24.76
CA GLU A 159 -0.60 -17.05 24.67
C GLU A 159 -0.90 -18.21 25.62
N ASN A 160 -1.37 -17.89 26.83
CA ASN A 160 -1.76 -18.90 27.81
C ASN A 160 -2.96 -19.75 27.37
N GLN A 161 -3.93 -19.11 26.70
CA GLN A 161 -5.16 -19.79 26.26
C GLN A 161 -4.91 -20.81 25.17
N ASN A 162 -5.77 -21.84 25.13
CA ASN A 162 -5.68 -22.90 24.12
C ASN A 162 -6.71 -22.79 23.01
N GLU A 163 -7.89 -22.24 23.34
CA GLU A 163 -9.00 -22.18 22.39
C GLU A 163 -9.20 -20.81 21.77
N ILE A 164 -9.71 -20.82 20.54
CA ILE A 164 -10.20 -19.64 19.87
C ILE A 164 -11.70 -19.89 19.74
N SER A 165 -12.53 -19.04 20.33
CA SER A 165 -13.97 -19.21 20.28
C SER A 165 -14.48 -19.06 18.85
N LEU A 166 -15.67 -19.60 18.59
CA LEU A 166 -16.33 -19.49 17.29
C LEU A 166 -16.75 -18.06 17.00
N GLU A 167 -17.10 -17.33 18.07
CA GLU A 167 -17.44 -15.92 17.98
C GLU A 167 -16.25 -15.07 17.54
N LYS A 168 -15.07 -15.36 18.09
CA LYS A 168 -13.86 -14.61 17.76
C LYS A 168 -13.39 -14.93 16.34
N PHE A 169 -13.52 -16.20 15.96
CA PHE A 169 -13.27 -16.66 14.59
C PHE A 169 -14.12 -15.89 13.59
N ASN A 170 -15.42 -15.82 13.84
CA ASN A 170 -16.35 -15.15 12.93
C ASN A 170 -16.17 -13.63 12.92
N GLU A 171 -15.76 -13.07 14.06
CA GLU A 171 -15.42 -11.66 14.10
C GLU A 171 -14.18 -11.34 13.26
N PHE A 172 -13.19 -12.23 13.29
CA PHE A 172 -12.02 -12.10 12.41
C PHE A 172 -12.43 -12.24 10.93
N LYS A 173 -13.25 -13.26 10.64
CA LYS A 173 -13.79 -13.47 9.30
C LYS A 173 -14.50 -12.22 8.76
N GLU A 174 -15.39 -11.63 9.58
CA GLU A 174 -16.15 -10.44 9.19
C GLU A 174 -15.22 -9.28 8.87
N THR A 175 -14.12 -9.18 9.61
CA THR A 175 -13.13 -8.11 9.49
C THR A 175 -12.31 -8.17 8.19
N ILE A 176 -11.89 -9.38 7.82
CA ILE A 176 -11.01 -9.58 6.66
C ILE A 176 -11.78 -9.79 5.35
N GLN A 177 -13.10 -9.95 5.47
CA GLN A 177 -13.99 -10.25 4.36
C GLN A 177 -14.08 -9.14 3.33
N ASN A 178 -13.88 -9.52 2.07
CA ASN A 178 -14.00 -8.63 0.91
C ASN A 178 -13.03 -7.45 0.92
N LYS A 179 -11.84 -7.69 1.47
CA LYS A 179 -10.79 -6.67 1.51
C LYS A 179 -9.50 -7.17 0.90
N LEU A 180 -8.72 -6.24 0.33
CA LEU A 180 -7.37 -6.51 -0.13
C LEU A 180 -6.40 -5.83 0.83
N PHE A 181 -5.35 -6.53 1.20
CA PHE A 181 -4.39 -6.00 2.18
C PHE A 181 -2.99 -5.84 1.59
N LYS A 182 -2.52 -4.60 1.50
CA LYS A 182 -1.16 -4.33 1.01
C LYS A 182 -0.12 -4.89 1.99
N GLN A 183 0.77 -5.74 1.48
CA GLN A 183 1.87 -6.32 2.26
C GLN A 183 3.21 -5.85 1.70
N ASP A 184 4.17 -5.51 2.57
CA ASP A 184 5.47 -4.95 2.16
C ASP A 184 6.64 -5.38 3.02
N GLY A 185 7.83 -5.41 2.44
CA GLY A 185 9.05 -5.64 3.20
C GLY A 185 9.56 -7.06 3.23
N PHE A 186 10.77 -7.23 3.77
CA PHE A 186 11.38 -8.56 3.85
C PHE A 186 10.63 -9.43 4.86
N LYS A 187 10.53 -10.72 4.55
CA LYS A 187 9.86 -11.67 5.43
C LYS A 187 10.47 -13.06 5.34
N ASP A 188 10.84 -13.62 6.48
CA ASP A 188 11.30 -14.99 6.57
C ASP A 188 10.11 -15.95 6.54
N ILE A 189 10.16 -16.89 5.60
CA ILE A 189 9.07 -17.86 5.42
C ILE A 189 9.54 -19.31 5.56
N SER A 190 8.58 -20.23 5.55
CA SER A 190 8.85 -21.65 5.52
C SER A 190 8.01 -22.32 4.45
N LEU A 191 8.52 -23.41 3.88
CA LEU A 191 7.77 -24.19 2.89
C LEU A 191 6.95 -25.29 3.55
N TYR A 192 7.17 -25.47 4.85
CA TYR A 192 6.51 -26.52 5.61
C TYR A 192 5.64 -25.92 6.69
N GLU A 193 4.50 -26.55 6.96
CA GLU A 193 3.62 -26.16 8.05
C GLU A 193 4.36 -26.29 9.37
N PRO A 194 4.39 -25.22 10.17
CA PRO A 194 4.98 -25.22 11.51
C PRO A 194 4.32 -26.25 12.41
N GLY A 195 5.13 -26.96 13.19
CA GLY A 195 4.64 -28.06 14.02
C GLY A 195 5.09 -27.98 15.46
N LYS A 196 4.98 -29.10 16.16
CA LYS A 196 5.16 -29.18 17.62
C LYS A 196 6.40 -28.48 18.21
N GLY A 197 7.49 -28.41 17.44
CA GLY A 197 8.74 -27.82 17.94
C GLY A 197 9.27 -26.60 17.18
N ASP A 198 8.37 -25.87 16.52
CA ASP A 198 8.74 -24.69 15.75
C ASP A 198 8.29 -23.41 16.45
N GLU A 199 8.91 -22.28 16.08
CA GLU A 199 8.49 -20.99 16.61
C GLU A 199 7.11 -20.61 16.08
N LYS A 200 6.17 -20.45 17.02
CA LYS A 200 4.80 -20.05 16.70
C LYS A 200 4.42 -18.75 17.46
N PRO A 201 4.84 -17.59 16.94
CA PRO A 201 4.70 -16.31 17.67
C PRO A 201 3.28 -15.77 17.86
N THR A 202 2.35 -16.11 16.97
CA THR A 202 0.98 -15.57 17.02
C THR A 202 -0.08 -16.66 16.81
N PRO A 203 -1.36 -16.34 17.05
CA PRO A 203 -2.41 -17.31 16.77
C PRO A 203 -2.86 -17.32 15.29
N LEU A 204 -2.19 -16.52 14.45
CA LEU A 204 -2.55 -16.42 13.03
C LEU A 204 -1.42 -16.91 12.11
N LEU A 205 -1.68 -18.03 11.45
CA LEU A 205 -0.73 -18.60 10.51
C LEU A 205 -1.18 -18.32 9.08
N MET A 206 -0.28 -17.75 8.27
CA MET A 206 -0.57 -17.47 6.86
C MET A 206 -0.09 -18.60 5.94
N HIS A 207 -0.97 -19.05 5.07
CA HIS A 207 -0.62 -20.01 4.04
C HIS A 207 -0.90 -19.29 2.71
N LEU A 208 0.16 -18.71 2.16
CA LEU A 208 0.04 -17.80 1.03
C LEU A 208 0.62 -18.39 -0.26
N LYS A 209 -0.18 -18.34 -1.32
CA LYS A 209 0.27 -18.77 -2.64
C LYS A 209 1.02 -17.65 -3.33
N LEU A 210 2.31 -17.83 -3.52
CA LEU A 210 3.13 -16.90 -4.30
C LEU A 210 3.09 -17.32 -5.76
N PRO A 211 2.90 -16.36 -6.68
CA PRO A 211 2.81 -16.70 -8.11
C PRO A 211 4.17 -17.11 -8.68
N ARG A 212 4.15 -17.80 -9.82
CA ARG A 212 5.37 -18.06 -10.60
C ARG A 212 6.20 -16.77 -10.75
N ASN A 213 7.52 -16.94 -10.64
CA ASN A 213 8.51 -15.85 -10.83
C ASN A 213 8.76 -14.95 -9.62
N THR A 214 8.15 -15.26 -8.48
CA THR A 214 8.48 -14.58 -7.24
C THR A 214 9.88 -14.96 -6.78
N GLY A 215 10.70 -13.96 -6.45
CA GLY A 215 12.00 -14.21 -5.85
C GLY A 215 11.89 -14.87 -4.49
N MET A 216 12.82 -15.77 -4.22
CA MET A 216 12.83 -16.57 -2.99
C MET A 216 14.27 -16.93 -2.65
N LEU A 217 14.76 -16.49 -1.49
CA LEU A 217 16.16 -16.69 -1.13
C LEU A 217 16.36 -17.54 0.12
N PRO A 218 16.63 -18.85 -0.07
CA PRO A 218 17.03 -19.71 1.05
C PRO A 218 18.44 -19.39 1.49
N TYR A 219 18.67 -19.38 2.79
CA TYR A 219 19.97 -19.00 3.33
C TYR A 219 20.21 -19.69 4.66
N THR A 220 21.47 -19.91 4.98
CA THR A 220 21.84 -20.56 6.23
C THR A 220 22.10 -19.53 7.32
N ASN A 221 21.58 -19.79 8.52
CA ASN A 221 21.89 -18.95 9.67
C ASN A 221 22.33 -19.81 10.86
N ASN A 224 20.29 -23.20 11.78
CA ASN A 224 19.15 -23.60 10.95
C ASN A 224 19.03 -22.81 9.64
N VAL A 225 18.04 -23.14 8.82
N VAL A 225 18.05 -23.18 8.82
CA VAL A 225 17.89 -22.56 7.49
CA VAL A 225 17.84 -22.58 7.51
C VAL A 225 16.57 -21.82 7.33
C VAL A 225 16.65 -21.64 7.58
N SER A 226 16.62 -20.65 6.69
CA SER A 226 15.45 -19.81 6.51
C SER A 226 15.32 -19.39 5.04
N THR A 227 14.17 -18.84 4.68
CA THR A 227 13.96 -18.33 3.34
C THR A 227 13.43 -16.90 3.38
N LEU A 228 14.06 -16.03 2.59
CA LEU A 228 13.65 -14.65 2.52
C LEU A 228 12.88 -14.37 1.23
N ILE A 229 11.76 -13.66 1.37
CA ILE A 229 11.04 -13.07 0.24
C ILE A 229 10.93 -11.57 0.46
N GLU A 230 10.58 -10.83 -0.59
CA GLU A 230 10.23 -9.43 -0.43
C GLU A 230 8.79 -9.25 -0.84
N GLN A 231 7.97 -8.84 0.10
CA GLN A 231 6.56 -8.61 -0.19
C GLN A 231 6.42 -7.22 -0.81
N GLY A 232 5.51 -7.12 -1.77
CA GLY A 232 5.25 -5.88 -2.51
C GLY A 232 4.04 -6.15 -3.38
N TYR A 233 2.89 -6.31 -2.72
CA TYR A 233 1.65 -6.74 -3.37
C TYR A 233 0.50 -6.68 -2.37
N SER A 234 -0.73 -6.76 -2.89
CA SER A 234 -1.91 -6.88 -2.05
C SER A 234 -2.18 -8.35 -1.88
N ILE A 235 -2.66 -8.73 -0.71
CA ILE A 235 -3.15 -10.08 -0.54
C ILE A 235 -4.64 -10.12 -0.26
N LYS A 236 -5.27 -11.19 -0.72
CA LYS A 236 -6.65 -11.45 -0.32
C LYS A 236 -6.70 -12.77 0.44
N ILE A 237 -7.54 -12.82 1.47
CA ILE A 237 -7.70 -14.04 2.25
C ILE A 237 -8.91 -14.80 1.72
N ASP A 238 -8.62 -15.91 1.04
CA ASP A 238 -9.65 -16.68 0.35
C ASP A 238 -10.47 -17.53 1.33
N LYS A 239 -9.80 -18.02 2.39
CA LYS A 239 -10.42 -18.93 3.35
C LYS A 239 -9.67 -18.90 4.68
N ILE A 240 -10.42 -18.93 5.78
CA ILE A 240 -9.79 -19.16 7.10
C ILE A 240 -10.32 -20.41 7.77
N VAL A 241 -9.43 -21.10 8.46
CA VAL A 241 -9.76 -22.34 9.15
C VAL A 241 -9.19 -22.32 10.56
N ARG A 242 -9.93 -22.90 11.50
CA ARG A 242 -9.41 -23.12 12.84
C ARG A 242 -8.64 -24.44 12.82
N ILE A 243 -7.34 -24.38 13.10
CA ILE A 243 -6.52 -25.60 13.20
C ILE A 243 -5.96 -25.78 14.62
N VAL A 244 -5.41 -26.96 14.88
CA VAL A 244 -4.75 -27.23 16.16
C VAL A 244 -3.30 -27.61 15.89
N ILE A 245 -2.38 -26.93 16.57
CA ILE A 245 -0.98 -27.30 16.58
C ILE A 245 -0.54 -27.39 18.04
N ASP A 246 -0.19 -28.60 18.49
CA ASP A 246 0.33 -28.83 19.85
C ASP A 246 -0.69 -28.45 20.94
N GLY A 247 -1.94 -28.89 20.78
CA GLY A 247 -2.99 -28.63 21.76
C GLY A 247 -3.47 -27.18 21.87
N LYS A 248 -3.13 -26.36 20.88
CA LYS A 248 -3.55 -24.96 20.84
C LYS A 248 -4.23 -24.63 19.52
N HIS A 249 -5.33 -23.86 19.57
CA HIS A 249 -5.99 -23.35 18.37
C HIS A 249 -5.16 -22.26 17.69
N TYR A 250 -5.18 -22.29 16.36
CA TYR A 250 -4.67 -21.21 15.51
C TYR A 250 -5.69 -20.98 14.40
N ILE A 251 -5.65 -19.79 13.80
CA ILE A 251 -6.40 -19.52 12.59
C ILE A 251 -5.42 -19.65 11.44
N LYS A 252 -5.68 -20.59 10.54
CA LYS A 252 -4.90 -20.67 9.32
C LYS A 252 -5.64 -19.89 8.24
N ALA A 253 -4.93 -18.96 7.61
CA ALA A 253 -5.49 -18.13 6.55
C ALA A 253 -4.91 -18.48 5.19
N GLU A 254 -5.75 -19.04 4.33
CA GLU A 254 -5.42 -19.27 2.92
C GLU A 254 -5.50 -17.94 2.19
N ALA A 255 -4.37 -17.49 1.66
CA ALA A 255 -4.30 -16.21 0.98
C ALA A 255 -3.75 -16.27 -0.44
N SER A 256 -4.11 -15.27 -1.25
CA SER A 256 -3.67 -15.12 -2.63
C SER A 256 -3.08 -13.73 -2.85
N VAL A 257 -2.24 -13.63 -3.87
CA VAL A 257 -1.65 -12.38 -4.30
C VAL A 257 -2.48 -11.76 -5.43
N VAL A 258 -2.86 -10.51 -5.24
CA VAL A 258 -3.46 -9.68 -6.26
C VAL A 258 -2.38 -8.68 -6.64
N SER A 259 -1.93 -8.73 -7.89
CA SER A 259 -0.88 -7.82 -8.29
C SER A 259 -1.41 -6.44 -8.69
N SER A 260 -0.50 -5.48 -8.63
CA SER A 260 -0.83 -4.08 -8.78
C SER A 260 0.48 -3.40 -9.14
N LEU A 261 0.41 -2.39 -9.99
CA LEU A 261 1.59 -1.63 -10.33
C LEU A 261 1.81 -0.65 -9.19
N ASP A 262 2.98 -0.75 -8.55
CA ASP A 262 3.33 0.11 -7.44
C ASP A 262 4.77 0.56 -7.59
N PHE A 263 4.97 1.82 -7.99
CA PHE A 263 6.30 2.36 -8.25
C PHE A 263 7.03 2.85 -7.01
N LYS A 264 6.28 3.02 -5.90
CA LYS A 264 6.82 3.51 -4.64
C LYS A 264 7.72 4.71 -4.94
N ASP A 265 8.98 4.66 -4.52
CA ASP A 265 9.91 5.75 -4.75
C ASP A 265 10.55 5.84 -6.14
N ASP A 266 10.25 4.88 -7.02
CA ASP A 266 10.80 4.87 -8.38
C ASP A 266 9.92 5.73 -9.33
N VAL A 267 9.98 7.04 -9.12
CA VAL A 267 9.12 7.98 -9.86
C VAL A 267 9.45 8.05 -11.34
N SER A 268 10.72 7.83 -11.67
CA SER A 268 11.20 7.81 -13.05
C SER A 268 10.53 6.71 -13.87
N LYS A 269 10.54 5.48 -13.36
CA LYS A 269 9.82 4.36 -14.02
C LYS A 269 8.32 4.60 -14.09
N GLY A 270 7.77 5.22 -13.05
CA GLY A 270 6.35 5.58 -13.02
C GLY A 270 5.97 6.58 -14.10
N ASP A 271 6.87 7.54 -14.31
CA ASP A 271 6.73 8.52 -15.38
C ASP A 271 6.73 7.87 -16.77
N SER A 272 7.66 6.96 -17.01
CA SER A 272 7.70 6.23 -18.28
C SER A 272 6.41 5.49 -18.55
N TRP A 273 5.89 4.81 -17.53
CA TRP A 273 4.60 4.13 -17.62
C TRP A 273 3.48 5.14 -17.92
N GLY A 274 3.42 6.20 -17.12
CA GLY A 274 2.42 7.25 -17.27
C GLY A 274 2.41 7.85 -18.66
N LYS A 275 3.58 8.24 -19.15
CA LYS A 275 3.75 8.80 -20.50
C LYS A 275 3.43 7.79 -21.60
N ALA A 276 3.84 6.54 -21.43
CA ALA A 276 3.46 5.49 -22.36
C ALA A 276 1.94 5.36 -22.51
N ASN A 277 1.22 5.50 -21.41
CA ASN A 277 -0.20 5.20 -21.39
C ASN A 277 -1.12 6.41 -21.58
N TYR A 278 -0.55 7.63 -21.52
CA TYR A 278 -1.34 8.86 -21.58
C TYR A 278 -0.78 9.95 -22.51
N ASN A 279 0.18 9.54 -23.35
CA ASN A 279 0.85 10.44 -24.32
C ASN A 279 -0.06 11.10 -25.34
N ASP A 280 -1.12 10.39 -25.71
CA ASP A 280 -2.04 10.83 -26.73
C ASP A 280 -3.46 10.98 -26.17
N TRP A 281 -3.54 11.15 -24.85
CA TRP A 281 -4.81 11.31 -24.13
C TRP A 281 -5.58 12.54 -24.60
N SER A 282 -4.84 13.62 -24.87
CA SER A 282 -5.37 14.85 -25.44
C SER A 282 -6.15 14.62 -26.73
N ASN A 283 -5.63 13.72 -27.57
CA ASN A 283 -6.21 13.45 -28.88
C ASN A 283 -7.45 12.56 -28.84
N LYS A 284 -7.73 12.00 -27.66
CA LYS A 284 -8.96 11.24 -27.44
C LYS A 284 -10.08 12.14 -26.91
N LEU A 285 -9.76 13.42 -26.67
CA LEU A 285 -10.71 14.35 -26.08
C LEU A 285 -11.37 15.24 -27.14
N THR A 286 -12.67 15.47 -27.00
CA THR A 286 -13.37 16.45 -27.83
C THR A 286 -12.79 17.84 -27.54
N PRO A 287 -13.07 18.84 -28.40
CA PRO A 287 -12.50 20.16 -28.13
C PRO A 287 -12.96 20.79 -26.81
N ASN A 288 -14.24 20.59 -26.45
CA ASN A 288 -14.78 21.10 -25.19
C ASN A 288 -14.18 20.41 -23.96
N GLU A 289 -14.06 19.08 -24.02
CA GLU A 289 -13.36 18.31 -22.98
C GLU A 289 -11.92 18.77 -22.80
N LEU A 290 -11.20 18.94 -23.90
CA LEU A 290 -9.80 19.39 -23.87
C LEU A 290 -9.66 20.79 -23.28
N ALA A 291 -10.53 21.72 -23.70
CA ALA A 291 -10.53 23.08 -23.15
C ALA A 291 -10.79 23.12 -21.64
N ASP A 292 -11.73 22.30 -21.17
CA ASP A 292 -12.08 22.24 -19.74
C ASP A 292 -11.03 21.57 -18.86
N VAL A 293 -10.44 20.48 -19.34
CA VAL A 293 -9.31 19.84 -18.67
C VAL A 293 -8.13 20.84 -18.60
N ASN A 294 -7.87 21.51 -19.72
CA ASN A 294 -6.84 22.56 -19.78
C ASN A 294 -7.11 23.67 -18.78
N ASP A 295 -8.35 24.17 -18.76
CA ASP A 295 -8.79 25.19 -17.80
C ASP A 295 -8.53 24.75 -16.36
N TYR A 296 -8.88 23.51 -16.03
CA TYR A 296 -8.69 22.92 -14.70
C TYR A 296 -7.21 22.90 -14.29
N MET A 297 -6.35 22.40 -15.17
CA MET A 297 -4.91 22.29 -14.91
C MET A 297 -4.19 23.65 -14.90
N ARG A 298 -4.79 24.64 -15.57
CA ARG A 298 -4.25 26.02 -15.58
C ARG A 298 -4.60 26.82 -14.33
N GLY A 299 -5.30 26.17 -13.40
CA GLY A 299 -5.67 26.79 -12.13
C GLY A 299 -7.16 26.80 -11.87
N GLY A 300 -7.95 26.35 -12.85
CA GLY A 300 -9.41 26.31 -12.71
C GLY A 300 -9.90 25.36 -11.63
N TYR A 301 -9.03 24.44 -11.21
CA TYR A 301 -9.36 23.44 -10.19
C TYR A 301 -9.78 24.03 -8.84
N THR A 302 -9.23 25.19 -8.48
CA THR A 302 -9.57 25.80 -7.20
C THR A 302 -11.05 26.11 -7.12
N ALA A 303 -11.55 26.89 -8.09
CA ALA A 303 -12.97 27.21 -8.17
C ALA A 303 -13.83 25.94 -8.35
N ILE A 304 -13.41 25.06 -9.25
CA ILE A 304 -14.16 23.82 -9.51
C ILE A 304 -14.29 22.99 -8.22
N ASN A 305 -13.18 22.77 -7.53
CA ASN A 305 -13.18 21.88 -6.38
C ASN A 305 -13.79 22.48 -5.11
N ASN A 306 -13.63 23.80 -4.93
CA ASN A 306 -14.29 24.50 -3.82
C ASN A 306 -15.81 24.49 -3.99
N TYR A 307 -16.25 24.62 -5.23
CA TYR A 307 -17.68 24.50 -5.58
C TYR A 307 -18.22 23.12 -5.20
N LEU A 308 -17.46 22.08 -5.54
CA LEU A 308 -17.80 20.71 -5.15
C LEU A 308 -17.73 20.45 -3.64
N ILE A 309 -16.65 20.89 -3.00
CA ILE A 309 -16.47 20.72 -1.56
C ILE A 309 -17.57 21.46 -0.78
N SER A 310 -17.91 22.66 -1.24
CA SER A 310 -18.90 23.50 -0.54
C SER A 310 -20.36 23.09 -0.79
N ASN A 311 -20.55 22.03 -1.59
CA ASN A 311 -21.89 21.52 -1.91
C ASN A 311 -22.65 22.47 -2.85
N GLY A 312 -21.89 23.21 -3.65
CA GLY A 312 -22.42 24.17 -4.61
C GLY A 312 -23.54 23.71 -5.52
N PRO A 313 -23.47 22.47 -6.06
CA PRO A 313 -24.55 22.00 -6.95
C PRO A 313 -25.93 22.02 -6.30
N VAL A 314 -25.96 21.85 -4.97
CA VAL A 314 -27.18 21.84 -4.19
C VAL A 314 -27.56 23.25 -3.65
N ASN A 315 -26.61 23.91 -2.98
CA ASN A 315 -26.96 25.16 -2.28
C ASN A 315 -26.78 26.45 -3.07
N ASN A 316 -25.90 26.44 -4.08
CA ASN A 316 -25.70 27.61 -4.94
C ASN A 316 -25.27 27.20 -6.34
N PRO A 317 -26.20 26.61 -7.11
CA PRO A 317 -25.90 26.01 -8.41
C PRO A 317 -25.23 26.96 -9.40
N ASN A 318 -24.22 26.44 -10.11
CA ASN A 318 -23.55 27.12 -11.20
C ASN A 318 -23.49 26.16 -12.38
N PRO A 319 -24.39 26.34 -13.37
CA PRO A 319 -24.48 25.48 -14.56
C PRO A 319 -23.21 25.48 -15.42
N GLU A 320 -22.49 26.61 -15.47
CA GLU A 320 -21.23 26.72 -16.22
C GLU A 320 -20.20 25.75 -15.64
N LEU A 321 -20.06 25.79 -14.32
CA LEU A 321 -19.19 24.90 -13.58
C LEU A 321 -19.62 23.44 -13.69
N ASP A 322 -20.93 23.19 -13.54
CA ASP A 322 -21.50 21.84 -13.70
C ASP A 322 -21.11 21.22 -15.05
N SER A 323 -21.11 22.06 -16.10
CA SER A 323 -20.74 21.65 -17.46
C SER A 323 -19.27 21.32 -17.60
N LYS A 324 -18.41 22.15 -17.02
CA LYS A 324 -16.97 21.86 -16.98
C LYS A 324 -16.69 20.56 -16.21
N ILE A 325 -17.29 20.43 -15.03
CA ILE A 325 -17.18 19.20 -14.22
C ILE A 325 -17.53 17.93 -15.02
N THR A 326 -18.67 17.95 -15.71
CA THR A 326 -19.13 16.86 -16.58
C THR A 326 -18.09 16.50 -17.64
N ASN A 327 -17.57 17.51 -18.32
CA ASN A 327 -16.51 17.31 -19.33
C ASN A 327 -15.20 16.73 -18.79
N ILE A 328 -14.80 17.17 -17.59
CA ILE A 328 -13.59 16.64 -16.97
C ILE A 328 -13.84 15.19 -16.54
N GLU A 329 -15.02 14.89 -16.01
CA GLU A 329 -15.39 13.52 -15.70
C GLU A 329 -15.38 12.61 -16.94
N ASN A 330 -15.98 13.05 -18.04
CA ASN A 330 -15.96 12.29 -19.29
C ASN A 330 -14.56 12.07 -19.85
N ALA A 331 -13.70 13.06 -19.68
CA ALA A 331 -12.27 12.95 -20.06
C ALA A 331 -11.53 11.89 -19.23
N LEU A 332 -11.81 11.83 -17.94
CA LEU A 332 -11.19 10.81 -17.06
C LEU A 332 -11.66 9.38 -17.37
N LYS A 333 -12.90 9.25 -17.87
CA LYS A 333 -13.46 7.97 -18.30
C LYS A 333 -13.04 7.57 -19.73
N ARG A 334 -12.37 8.47 -20.43
CA ARG A 334 -12.05 8.28 -21.85
C ARG A 334 -10.97 7.22 -22.10
N GLU A 335 -9.89 7.29 -21.32
CA GLU A 335 -8.81 6.30 -21.36
C GLU A 335 -8.59 5.80 -19.93
N PRO A 336 -9.41 4.81 -19.51
CA PRO A 336 -9.42 4.33 -18.12
C PRO A 336 -8.10 3.70 -17.70
N ILE A 337 -7.79 3.76 -16.40
CA ILE A 337 -6.57 3.16 -15.86
C ILE A 337 -6.43 1.71 -16.35
N PRO A 338 -5.37 1.43 -17.13
CA PRO A 338 -5.22 0.17 -17.89
C PRO A 338 -4.76 -1.07 -17.09
N THR A 339 -4.54 -0.88 -15.80
CA THR A 339 -4.06 -1.96 -14.93
C THR A 339 -4.28 -1.60 -13.46
N ASN A 340 -4.23 -2.59 -12.57
CA ASN A 340 -4.29 -2.28 -11.14
C ASN A 340 -3.13 -1.36 -10.80
N LEU A 341 -3.45 -0.18 -10.28
CA LEU A 341 -2.43 0.82 -10.01
C LEU A 341 -2.50 1.32 -8.56
N THR A 342 -1.35 1.39 -7.91
CA THR A 342 -1.25 2.00 -6.59
C THR A 342 -0.79 3.43 -6.76
N VAL A 343 -1.50 4.35 -6.10
CA VAL A 343 -1.11 5.76 -6.09
C VAL A 343 -1.08 6.30 -4.66
N TYR A 344 -0.43 7.45 -4.50
CA TYR A 344 -0.21 8.03 -3.18
C TYR A 344 -0.68 9.46 -3.08
N ARG A 345 -1.22 9.81 -1.92
CA ARG A 345 -1.63 11.16 -1.63
C ARG A 345 -1.22 11.52 -0.21
N ARG A 346 -0.51 12.64 -0.05
CA ARG A 346 -0.24 13.19 1.28
C ARG A 346 -1.45 14.05 1.62
N SER A 347 -2.26 13.56 2.55
CA SER A 347 -3.51 14.21 2.92
C SER A 347 -3.34 15.19 4.06
N GLY A 348 -4.01 16.32 3.94
CA GLY A 348 -4.08 17.29 5.04
C GLY A 348 -5.14 16.88 6.05
N PRO A 349 -5.09 17.49 7.26
CA PRO A 349 -6.06 17.17 8.31
C PRO A 349 -7.56 17.36 7.91
N GLN A 350 -7.85 18.32 7.03
N GLN A 350 -7.84 18.34 7.05
CA GLN A 350 -9.25 18.63 6.67
CA GLN A 350 -9.21 18.66 6.58
C GLN A 350 -9.93 17.57 5.80
C GLN A 350 -9.91 17.45 5.96
N GLU A 351 -9.14 16.65 5.24
CA GLU A 351 -9.69 15.53 4.46
C GLU A 351 -10.30 14.47 5.37
N PHE A 352 -9.96 14.54 6.66
CA PHE A 352 -10.41 13.56 7.65
C PHE A 352 -11.14 14.22 8.83
N GLY A 353 -11.68 15.41 8.60
CA GLY A 353 -12.44 16.13 9.61
C GLY A 353 -11.61 16.66 10.76
N LEU A 354 -10.37 17.07 10.48
CA LEU A 354 -9.49 17.66 11.50
C LEU A 354 -8.91 18.97 11.00
N THR A 355 -8.11 19.62 11.85
CA THR A 355 -7.36 20.81 11.49
C THR A 355 -5.91 20.61 11.94
N LEU A 356 -5.02 21.54 11.59
CA LEU A 356 -3.61 21.45 12.02
C LEU A 356 -3.45 21.60 13.52
N THR A 357 -4.41 22.27 14.15
CA THR A 357 -4.38 22.50 15.60
C THR A 357 -5.37 21.60 16.36
N SER A 358 -5.89 20.55 15.70
CA SER A 358 -6.71 19.54 16.37
C SER A 358 -5.83 18.64 17.25
N PRO A 359 -6.16 18.55 18.56
CA PRO A 359 -5.42 17.65 19.46
C PRO A 359 -5.46 16.19 19.01
N GLU A 360 -6.50 15.80 18.28
CA GLU A 360 -6.64 14.43 17.78
C GLU A 360 -5.67 14.13 16.63
N TYR A 361 -5.17 15.20 16.00
CA TYR A 361 -4.16 15.12 14.93
C TYR A 361 -2.76 14.80 15.47
N ASP A 362 -2.64 14.67 16.78
CA ASP A 362 -1.34 14.32 17.38
C ASP A 362 -1.21 12.82 17.50
N PHE A 363 -0.70 12.19 16.45
CA PHE A 363 -0.58 10.74 16.41
C PHE A 363 0.60 10.20 17.22
N ASN A 364 1.38 11.10 17.82
CA ASN A 364 2.42 10.70 18.78
C ASN A 364 1.78 10.09 20.04
N LYS A 365 0.56 10.53 20.34
CA LYS A 365 -0.25 9.93 21.40
C LYS A 365 -1.07 8.78 20.84
N LEU A 366 -0.85 7.58 21.37
CA LEU A 366 -1.47 6.34 20.88
C LEU A 366 -3.02 6.32 20.89
N GLU A 367 -3.63 7.00 21.86
CA GLU A 367 -5.09 7.04 21.95
C GLU A 367 -5.74 7.79 20.77
N ASN A 368 -4.95 8.65 20.12
CA ASN A 368 -5.36 9.38 18.93
C ASN A 368 -5.29 8.53 17.64
N ILE A 369 -4.36 7.59 17.61
CA ILE A 369 -4.27 6.62 16.52
C ILE A 369 -5.46 5.66 16.61
N ASP A 370 -5.75 5.20 17.83
CA ASP A 370 -6.89 4.32 18.08
C ASP A 370 -8.22 4.97 17.74
N ALA A 371 -8.38 6.23 18.15
CA ALA A 371 -9.56 7.02 17.81
C ALA A 371 -9.71 7.24 16.31
N PHE A 372 -8.58 7.44 15.61
CA PHE A 372 -8.60 7.60 14.15
C PHE A 372 -9.02 6.30 13.45
N LYS A 373 -8.44 5.20 13.89
CA LYS A 373 -8.72 3.86 13.33
C LYS A 373 -10.17 3.47 13.59
N SER A 374 -10.65 3.80 14.77
CA SER A 374 -12.01 3.50 15.20
C SER A 374 -13.03 4.18 14.28
N LYS A 375 -12.71 5.40 13.87
CA LYS A 375 -13.55 6.19 12.98
C LYS A 375 -13.43 5.78 11.51
N TRP A 376 -12.22 5.45 11.08
CA TRP A 376 -11.91 5.35 9.66
C TRP A 376 -11.64 3.94 9.11
N GLU A 377 -10.98 3.10 9.91
CA GLU A 377 -10.56 1.76 9.47
C GLU A 377 -11.75 0.84 9.21
N GLY A 378 -11.78 0.25 8.02
CA GLY A 378 -12.92 -0.57 7.57
C GLY A 378 -14.06 0.25 6.99
N GLN A 379 -13.93 1.57 7.04
CA GLN A 379 -15.00 2.48 6.62
C GLN A 379 -14.76 3.06 5.23
N ALA A 380 -15.70 3.87 4.77
CA ALA A 380 -15.62 4.51 3.46
C ALA A 380 -15.24 5.97 3.58
N LEU A 381 -14.43 6.44 2.64
CA LEU A 381 -14.06 7.83 2.53
C LEU A 381 -14.40 8.29 1.12
N SER A 382 -15.12 9.40 0.99
CA SER A 382 -15.35 9.96 -0.33
C SER A 382 -15.05 11.44 -0.45
N TYR A 383 -14.61 11.82 -1.64
CA TYR A 383 -14.26 13.19 -1.94
C TYR A 383 -15.27 13.73 -2.94
N PRO A 384 -15.90 14.88 -2.63
CA PRO A 384 -16.77 15.54 -3.62
C PRO A 384 -15.96 16.17 -4.76
N ASN A 385 -14.75 16.62 -4.43
CA ASN A 385 -13.84 17.22 -5.39
C ASN A 385 -13.09 16.17 -6.23
N PHE A 386 -12.58 16.58 -7.39
CA PHE A 386 -11.57 15.79 -8.09
C PHE A 386 -10.38 15.63 -7.14
N ILE A 387 -9.70 14.49 -7.23
CA ILE A 387 -8.64 14.13 -6.29
C ILE A 387 -7.35 13.87 -7.05
N SER A 388 -6.31 14.65 -6.72
CA SER A 388 -4.97 14.41 -7.23
C SER A 388 -4.19 13.46 -6.35
N THR A 389 -3.45 12.58 -7.00
CA THR A 389 -2.63 11.57 -6.35
C THR A 389 -1.31 11.51 -7.12
N SER A 390 -0.36 10.73 -6.63
CA SER A 390 0.93 10.58 -7.27
C SER A 390 1.25 9.13 -7.50
N ILE A 391 2.01 8.82 -8.54
CA ILE A 391 2.48 7.44 -8.72
C ILE A 391 3.64 7.12 -7.77
N GLY A 392 4.16 8.15 -7.10
CA GLY A 392 5.27 8.00 -6.15
C GLY A 392 4.89 8.26 -4.71
N SER A 393 5.58 7.60 -3.78
CA SER A 393 5.23 7.62 -2.35
C SER A 393 6.12 8.56 -1.52
N VAL A 394 7.19 9.03 -2.14
CA VAL A 394 8.20 9.87 -1.50
C VAL A 394 7.56 11.15 -0.91
N ASN A 395 8.19 11.67 0.14
CA ASN A 395 7.73 12.89 0.78
C ASN A 395 8.22 14.12 -0.01
N MET A 396 7.48 15.22 0.10
CA MET A 396 7.77 16.46 -0.59
C MET A 396 7.65 17.58 0.41
N SER A 397 8.51 18.59 0.29
CA SER A 397 8.55 19.70 1.26
C SER A 397 7.22 20.43 1.33
N ALA A 398 6.54 20.56 0.20
CA ALA A 398 5.17 21.08 0.14
C ALA A 398 4.21 20.34 1.06
N PHE A 399 4.51 19.08 1.36
CA PHE A 399 3.64 18.23 2.19
C PHE A 399 4.28 17.81 3.51
N ALA A 400 5.37 18.49 3.87
CA ALA A 400 6.17 18.16 5.04
C ALA A 400 5.35 18.02 6.32
N LYS A 401 4.31 18.82 6.44
CA LYS A 401 3.52 18.88 7.69
C LYS A 401 2.20 18.09 7.58
N ARG A 402 2.10 17.23 6.56
CA ARG A 402 0.97 16.31 6.42
C ARG A 402 1.33 14.96 7.03
N LYS A 403 0.40 14.42 7.81
CA LYS A 403 0.67 13.22 8.62
C LYS A 403 -0.05 11.99 8.11
N ILE A 404 -0.97 12.17 7.17
CA ILE A 404 -1.74 11.06 6.66
C ILE A 404 -1.34 10.78 5.23
N VAL A 405 -0.72 9.63 5.00
CA VAL A 405 -0.45 9.16 3.65
C VAL A 405 -1.53 8.18 3.19
N LEU A 406 -2.28 8.59 2.19
CA LEU A 406 -3.32 7.78 1.57
C LEU A 406 -2.69 6.92 0.47
N ARG A 407 -2.78 5.60 0.63
CA ARG A 407 -2.20 4.65 -0.31
C ARG A 407 -3.33 3.91 -1.04
N ILE A 408 -3.63 4.34 -2.25
CA ILE A 408 -4.84 3.89 -2.94
C ILE A 408 -4.53 2.84 -4.02
N THR A 409 -5.25 1.73 -3.97
CA THR A 409 -5.29 0.81 -5.10
C THR A 409 -6.41 1.21 -6.05
N ILE A 410 -6.06 1.44 -7.32
CA ILE A 410 -7.01 1.80 -8.36
C ILE A 410 -7.22 0.57 -9.24
N PRO A 411 -8.43 -0.03 -9.19
CA PRO A 411 -8.72 -1.17 -10.05
C PRO A 411 -8.60 -0.84 -11.54
N LYS A 412 -8.08 -1.79 -12.31
CA LYS A 412 -8.05 -1.70 -13.77
C LYS A 412 -9.42 -1.27 -14.30
N GLY A 413 -9.45 -0.26 -15.15
CA GLY A 413 -10.70 0.18 -15.76
C GLY A 413 -11.36 1.34 -15.04
N SER A 414 -10.77 1.78 -13.94
CA SER A 414 -11.27 2.94 -13.22
C SER A 414 -11.04 4.22 -14.01
N PRO A 415 -11.90 5.24 -13.79
CA PRO A 415 -11.59 6.55 -14.38
C PRO A 415 -10.26 7.08 -13.82
N GLY A 416 -9.63 7.98 -14.58
CA GLY A 416 -8.38 8.59 -14.16
C GLY A 416 -7.48 8.89 -15.34
N ALA A 417 -6.49 9.75 -15.12
CA ALA A 417 -5.53 10.10 -16.15
C ALA A 417 -4.20 10.55 -15.56
N TYR A 418 -3.12 10.15 -16.20
CA TYR A 418 -1.81 10.67 -15.85
C TYR A 418 -1.67 12.02 -16.55
N LEU A 419 -1.93 13.08 -15.79
CA LEU A 419 -1.93 14.45 -16.29
C LEU A 419 -0.54 14.95 -16.62
N SER A 420 0.47 14.35 -15.97
CA SER A 420 1.87 14.73 -16.16
C SER A 420 2.44 14.26 -17.50
N ALA A 421 1.58 13.64 -18.32
CA ALA A 421 1.92 13.23 -19.69
C ALA A 421 1.65 14.35 -20.69
N ILE A 422 0.95 15.40 -20.25
CA ILE A 422 0.64 16.55 -21.10
C ILE A 422 1.86 17.46 -21.20
N PRO A 423 2.38 17.66 -22.42
CA PRO A 423 3.58 18.43 -22.73
C PRO A 423 3.95 19.51 -21.71
N GLY A 424 3.26 20.65 -21.76
CA GLY A 424 3.66 21.80 -20.95
C GLY A 424 3.04 21.91 -19.57
N TYR A 425 2.73 20.77 -18.95
CA TYR A 425 2.13 20.76 -17.60
C TYR A 425 3.16 20.69 -16.49
N ALA A 426 3.04 21.64 -15.56
CA ALA A 426 4.00 21.78 -14.46
C ALA A 426 3.97 20.64 -13.44
N GLY A 427 2.81 20.01 -13.26
CA GLY A 427 2.63 18.91 -12.30
C GLY A 427 3.46 17.67 -12.60
N GLU A 428 3.96 17.03 -11.55
CA GLU A 428 4.83 15.86 -11.71
C GLU A 428 4.26 14.60 -11.07
N TYR A 429 4.26 13.52 -11.87
CA TYR A 429 3.89 12.16 -11.44
C TYR A 429 2.43 12.05 -11.01
N GLU A 430 1.60 12.93 -11.55
CA GLU A 430 0.25 13.13 -11.05
C GLU A 430 -0.83 12.37 -11.83
N VAL A 431 -1.63 11.61 -11.08
CA VAL A 431 -2.82 10.95 -11.57
C VAL A 431 -4.02 11.65 -10.96
N LEU A 432 -4.93 12.13 -11.80
CA LEU A 432 -6.19 12.73 -11.33
C LEU A 432 -7.29 11.68 -11.26
N LEU A 433 -8.02 11.65 -10.15
CA LEU A 433 -9.18 10.77 -10.00
C LEU A 433 -10.50 11.54 -10.08
N ASN A 434 -11.57 10.85 -10.49
CA ASN A 434 -12.89 11.47 -10.67
C ASN A 434 -13.48 12.04 -9.38
N HIS A 435 -14.22 13.15 -9.51
CA HIS A 435 -14.98 13.74 -8.41
C HIS A 435 -16.01 12.74 -7.89
N GLY A 436 -16.32 12.83 -6.59
CA GLY A 436 -17.23 11.89 -5.96
C GLY A 436 -16.66 10.48 -5.80
N SER A 437 -15.34 10.32 -5.91
CA SER A 437 -14.72 9.00 -5.73
C SER A 437 -14.84 8.50 -4.30
N LYS A 438 -15.00 7.18 -4.17
CA LYS A 438 -15.15 6.50 -2.88
C LYS A 438 -14.03 5.49 -2.69
N PHE A 439 -13.49 5.45 -1.48
CA PHE A 439 -12.39 4.55 -1.15
C PHE A 439 -12.75 3.75 0.08
N LYS A 440 -12.56 2.43 0.02
CA LYS A 440 -12.72 1.60 1.22
C LYS A 440 -11.37 1.45 1.90
N ILE A 441 -11.29 1.92 3.14
CA ILE A 441 -10.07 1.84 3.94
C ILE A 441 -9.95 0.44 4.52
N ASN A 442 -8.95 -0.30 4.04
CA ASN A 442 -8.74 -1.67 4.48
C ASN A 442 -8.03 -1.75 5.82
N LYS A 443 -7.06 -0.86 6.01
CA LYS A 443 -6.06 -1.04 7.05
C LYS A 443 -5.28 0.24 7.25
N ILE A 444 -5.04 0.61 8.51
CA ILE A 444 -4.26 1.80 8.82
C ILE A 444 -3.02 1.42 9.62
N ASP A 445 -1.86 1.88 9.18
CA ASP A 445 -0.60 1.69 9.89
C ASP A 445 -0.01 3.02 10.34
N SER A 446 0.79 2.98 11.41
CA SER A 446 1.53 4.15 11.86
C SER A 446 3.01 3.93 11.62
N TYR A 447 3.74 5.01 11.43
CA TYR A 447 5.19 4.94 11.32
C TYR A 447 5.82 6.23 11.83
N LYS A 448 7.08 6.15 12.22
CA LYS A 448 7.80 7.34 12.68
C LYS A 448 8.55 8.01 11.55
N ASP A 449 8.30 9.31 11.40
CA ASP A 449 9.07 10.13 10.49
C ASP A 449 9.86 11.12 11.32
N GLY A 450 11.09 10.74 11.67
CA GLY A 450 11.85 11.47 12.68
C GLY A 450 11.14 11.33 14.01
N THR A 451 10.65 12.44 14.54
CA THR A 451 9.93 12.44 15.80
C THR A 451 8.40 12.39 15.60
N ILE A 452 7.95 12.72 14.38
CA ILE A 452 6.53 12.78 14.04
C ILE A 452 6.01 11.41 13.62
N THR A 453 5.04 10.89 14.38
CA THR A 453 4.28 9.69 13.97
C THR A 453 3.36 10.08 12.81
N LYS A 454 3.38 9.27 11.76
CA LYS A 454 2.52 9.45 10.60
C LYS A 454 1.72 8.19 10.32
N LEU A 455 0.65 8.33 9.56
CA LEU A 455 -0.24 7.20 9.25
C LEU A 455 -0.24 6.84 7.76
N ILE A 456 -0.21 5.55 7.48
CA ILE A 456 -0.45 5.04 6.13
C ILE A 456 -1.85 4.42 6.07
N VAL A 457 -2.71 5.02 5.25
CA VAL A 457 -4.07 4.54 5.05
C VAL A 457 -4.14 3.68 3.76
N ASP A 458 -4.31 2.37 3.95
CA ASP A 458 -4.38 1.39 2.87
C ASP A 458 -5.84 1.32 2.39
N ALA A 459 -6.10 1.93 1.23
CA ALA A 459 -7.46 2.13 0.72
C ALA A 459 -7.60 1.54 -0.68
N THR A 460 -8.84 1.18 -1.05
CA THR A 460 -9.16 0.72 -2.40
C THR A 460 -10.23 1.61 -3.01
N LEU A 461 -9.98 2.14 -4.21
CA LEU A 461 -11.01 2.89 -4.91
C LEU A 461 -12.09 1.91 -5.31
N ILE A 462 -13.32 2.24 -4.92
CA ILE A 462 -14.49 1.46 -5.31
C ILE A 462 -15.28 2.25 -6.37
N PRO A 463 -14.98 2.02 -7.68
CA PRO A 463 -15.69 2.73 -8.75
C PRO A 463 -16.97 2.00 -9.19
PA NAD B . -5.14 20.26 -3.14
O1A NAD B . -5.22 18.79 -3.35
O2A NAD B . -5.93 21.16 -3.99
O5B NAD B . -5.48 20.58 -1.57
C5B NAD B . -5.93 21.90 -1.13
C4B NAD B . -6.36 21.93 0.38
O4B NAD B . -7.76 21.49 0.66
C3B NAD B . -5.51 21.02 1.29
O3B NAD B . -5.47 21.54 2.62
C2B NAD B . -6.28 19.69 1.25
O2B NAD B . -6.26 19.02 2.50
C1B NAD B . -7.70 20.14 0.83
N9A NAD B . -8.68 19.30 0.51
C8A NAD B . -8.69 18.48 -0.55
N7A NAD B . -9.83 17.78 -0.55
C5A NAD B . -10.54 18.15 0.52
C6A NAD B . -11.78 17.77 1.01
N6A NAD B . -12.49 16.85 0.37
N1A NAD B . -12.24 18.35 2.14
C2A NAD B . -11.52 19.28 2.76
N3A NAD B . -10.33 19.66 2.31
C4A NAD B . -9.80 19.13 1.20
O3 NAD B . -3.60 20.69 -3.25
PN NAD B . -2.46 20.16 -2.21
O1N NAD B . -2.79 18.77 -1.79
O2N NAD B . -2.30 21.22 -1.19
O5D NAD B . -1.14 20.11 -3.16
C5D NAD B . -0.76 21.20 -4.03
C4D NAD B . -0.72 20.76 -5.51
O4D NAD B . -0.14 19.43 -5.62
C3D NAD B . -2.13 20.66 -6.11
O3D NAD B . -2.12 21.13 -7.46
C2D NAD B . -2.43 19.17 -6.08
O2D NAD B . -3.37 18.81 -7.09
C1D NAD B . -1.05 18.58 -6.38
N1N NAD B . -0.81 17.19 -5.91
C2N NAD B . -0.99 16.85 -4.57
C3N NAD B . -0.74 15.53 -4.15
C7N NAD B . -0.91 15.14 -2.69
O7N NAD B . -0.33 14.15 -2.25
N7N NAD B . -1.64 15.97 -1.94
C4N NAD B . -0.30 14.57 -5.07
C5N NAD B . -0.12 14.92 -6.40
C6N NAD B . -0.37 16.22 -6.84
C1 GOL C . 10.80 -0.33 -3.85
O1 GOL C . 10.92 -1.74 -3.79
C2 GOL C . 10.81 0.11 -5.30
O2 GOL C . 10.12 -0.82 -6.10
C3 GOL C . 12.26 0.23 -5.76
O3 GOL C . 12.71 1.52 -5.47
#